data_6F6D
#
_entry.id   6F6D
#
_cell.length_a   68.480
_cell.length_b   68.480
_cell.length_c   230.000
_cell.angle_alpha   90.000
_cell.angle_beta   90.000
_cell.angle_gamma   90.000
#
_symmetry.space_group_name_H-M   'P 41 21 2'
#
loop_
_entity.id
_entity.type
_entity.pdbx_description
1 polymer 'Lysine-specific demethylase 6B'
2 polymer 'Histone 3 peptide H3(17-33)K18IA21M'
3 non-polymer 'FE (III) ION'
4 non-polymer 'ZINC ION'
5 non-polymer '2-OXOGLUTARIC ACID'
6 non-polymer 'TERTIARY-BUTYL ALCOHOL'
7 water water
#
loop_
_entity_poly.entity_id
_entity_poly.type
_entity_poly.pdbx_seq_one_letter_code
_entity_poly.pdbx_strand_id
1 'polypeptide(L)'
;MDVVRASRNAKVKGKFRESYLSPAQSVKPKINTEEKLPREKLNPPTPSIYLESKRDAFSPVLLQFCTDPRNPITVIRGLA
GSLRLNLGLFSTKTLVEASGEHTVEVRTQVQQPSDENWDLTGTRQIWPCESSRSHTTIAKYAQYQASSFQESLQEEKESE
DEESEEPDSTTGTPPSSAPDPKNHHIIKFGTNIDLSDAKRWKPQLQELLKLPAFMRVTSTGNMLSHVGHTILGMNTVQLY
MKVPGSRTPGHQENNNFCSVNINIGPGDCEWFAVHEHYWETISAFCDRHGVDYLTGSWWPILDDLYASNIPVYRFVQRPG
DLVWINAGTVHWVQATGWCNNIAWNVGPLTAYQYQLALERYEWNEVKNVKSIVPMIHVSWNVARTVKISDPDLFKMIKFC
LLQSMKHCQVQRESLVRAGKKIAYQGRVKDEPAYYCNECDVEVFNILFVTSENGSRNTYLVHCEGCARRRSAGLQGVVVL
EQYRTEELAQAYDAFTLAPASTSRHHHHHH
;
A
2 'polypeptide(L)' RIQLMTKAARKSAPATG B
#
loop_
_chem_comp.id
_chem_comp.type
_chem_comp.name
_chem_comp.formula
AKG non-polymer '2-OXOGLUTARIC ACID' 'C5 H6 O5'
FE non-polymer 'FE (III) ION' 'Fe 3'
TBU non-polymer 'TERTIARY-BUTYL ALCOHOL' 'C4 H10 O'
ZN non-polymer 'ZINC ION' 'Zn 2'
#
# COMPACT_ATOMS: atom_id res chain seq x y z
N GLU A 18 13.49 21.19 4.52
CA GLU A 18 12.34 20.70 5.28
C GLU A 18 11.80 19.38 4.66
N SER A 19 12.01 19.20 3.35
CA SER A 19 11.64 17.95 2.70
C SER A 19 12.61 16.84 3.10
N TYR A 20 12.09 15.62 3.22
CA TYR A 20 12.93 14.45 3.45
C TYR A 20 13.57 13.92 2.17
N LEU A 21 13.27 14.49 1.00
CA LEU A 21 13.81 14.07 -0.29
C LEU A 21 14.74 15.14 -0.85
N SER A 22 15.79 14.68 -1.53
CA SER A 22 16.65 15.56 -2.29
C SER A 22 16.33 15.38 -3.76
N PRO A 23 15.78 16.39 -4.44
CA PRO A 23 15.44 16.18 -5.85
C PRO A 23 16.62 15.75 -6.69
N ALA A 24 17.81 16.24 -6.38
CA ALA A 24 19.00 15.86 -7.13
C ALA A 24 19.20 14.35 -7.21
N GLN A 25 18.72 13.59 -6.22
CA GLN A 25 18.99 12.16 -6.11
C GLN A 25 18.00 11.30 -6.86
N SER A 26 17.02 11.89 -7.54
CA SER A 26 15.97 11.15 -8.23
C SER A 26 16.53 10.07 -9.15
N VAL A 27 15.89 8.90 -9.14
CA VAL A 27 16.19 7.84 -10.07
C VAL A 27 15.02 7.56 -10.99
N LYS A 28 14.03 8.44 -11.02
CA LYS A 28 12.86 8.20 -11.85
C LYS A 28 13.31 8.10 -13.31
N PRO A 29 12.76 7.18 -14.09
CA PRO A 29 13.16 7.09 -15.50
C PRO A 29 12.72 8.30 -16.30
N LYS A 30 13.60 8.74 -17.20
CA LYS A 30 13.28 9.84 -18.09
C LYS A 30 12.25 9.37 -19.12
N ILE A 31 11.08 9.96 -19.07
CA ILE A 31 10.00 9.71 -20.03
C ILE A 31 9.53 11.07 -20.51
N ASN A 32 9.49 11.26 -21.82
CA ASN A 32 9.09 12.52 -22.44
C ASN A 32 7.67 12.32 -22.97
N THR A 33 6.68 12.76 -22.18
CA THR A 33 5.28 12.57 -22.56
C THR A 33 4.95 13.33 -23.85
N GLU A 34 5.78 14.30 -24.24
CA GLU A 34 5.48 15.14 -25.39
C GLU A 34 5.69 14.40 -26.70
N GLU A 35 6.62 13.45 -26.73
CA GLU A 35 6.80 12.59 -27.89
C GLU A 35 5.51 11.81 -28.15
N LYS A 36 4.80 12.19 -29.22
CA LYS A 36 3.58 11.48 -29.61
C LYS A 36 3.89 10.03 -29.94
N LEU A 37 3.03 9.14 -29.47
CA LEU A 37 3.25 7.72 -29.66
C LEU A 37 2.23 7.13 -30.64
N PRO A 38 2.64 6.17 -31.48
CA PRO A 38 1.67 5.51 -32.37
C PRO A 38 0.81 4.56 -31.58
N ARG A 39 -0.24 4.06 -32.24
CA ARG A 39 -1.18 3.19 -31.56
C ARG A 39 -0.45 2.03 -30.88
N GLU A 40 0.59 1.50 -31.53
CA GLU A 40 1.29 0.32 -31.04
C GLU A 40 1.89 0.57 -29.65
N LYS A 41 2.49 1.74 -29.48
CA LYS A 41 3.15 2.06 -28.24
C LYS A 41 2.17 2.46 -27.15
N LEU A 42 0.94 2.81 -27.53
CA LEU A 42 -0.10 3.07 -26.55
C LEU A 42 -0.75 1.79 -26.04
N ASN A 43 -0.45 0.64 -26.65
CA ASN A 43 -1.02 -0.66 -26.26
C ASN A 43 0.13 -1.64 -26.07
N PRO A 44 1.00 -1.37 -25.11
CA PRO A 44 2.21 -2.18 -24.98
C PRO A 44 1.89 -3.57 -24.45
N PRO A 45 2.73 -4.56 -24.73
CA PRO A 45 2.56 -5.89 -24.14
C PRO A 45 3.01 -5.94 -22.69
N THR A 46 2.31 -6.73 -21.94
CA THR A 46 2.74 -6.87 -20.55
C THR A 46 3.81 -7.95 -20.45
N PRO A 47 4.91 -7.70 -19.75
CA PRO A 47 5.91 -8.75 -19.52
C PRO A 47 5.27 -9.95 -18.84
N SER A 48 5.44 -11.10 -19.47
CA SER A 48 4.77 -12.33 -19.06
CA SER A 48 4.75 -12.34 -19.09
C SER A 48 5.81 -13.44 -19.03
N ILE A 49 6.19 -13.82 -17.80
CA ILE A 49 7.30 -14.73 -17.45
C ILE A 49 6.74 -16.09 -17.10
N TYR A 50 7.48 -17.15 -17.42
CA TYR A 50 7.20 -18.50 -16.97
C TYR A 50 8.41 -19.01 -16.21
N LEU A 51 8.20 -19.60 -15.05
CA LEU A 51 9.31 -20.09 -14.25
C LEU A 51 9.28 -21.60 -14.26
N GLU A 52 10.41 -22.21 -14.64
CA GLU A 52 10.51 -23.66 -14.72
C GLU A 52 10.79 -24.30 -13.37
N SER A 53 11.65 -23.68 -12.56
CA SER A 53 12.16 -24.35 -11.37
C SER A 53 12.15 -23.35 -10.23
N LYS A 54 12.21 -23.90 -9.01
CA LYS A 54 12.36 -23.06 -7.83
C LYS A 54 13.63 -22.23 -7.90
N ARG A 55 14.71 -22.80 -8.49
CA ARG A 55 15.95 -22.05 -8.60
C ARG A 55 15.71 -20.74 -9.33
N ASP A 56 14.95 -20.78 -10.43
CA ASP A 56 14.67 -19.58 -11.20
C ASP A 56 13.79 -18.62 -10.43
N ALA A 57 12.74 -19.13 -9.79
CA ALA A 57 11.88 -18.27 -8.98
C ALA A 57 12.65 -17.57 -7.87
N PHE A 58 13.69 -18.18 -7.32
CA PHE A 58 14.43 -17.60 -6.21
C PHE A 58 15.64 -16.78 -6.67
N SER A 59 15.78 -16.56 -7.96
CA SER A 59 16.95 -15.87 -8.47
C SER A 59 16.88 -14.38 -8.21
N PRO A 60 18.00 -13.74 -7.81
CA PRO A 60 18.00 -12.26 -7.75
C PRO A 60 17.68 -11.63 -9.08
N VAL A 61 17.85 -12.37 -10.18
CA VAL A 61 17.55 -11.79 -11.48
C VAL A 61 16.06 -11.50 -11.61
N LEU A 62 15.22 -12.35 -11.01
CA LEU A 62 13.79 -12.12 -11.04
C LEU A 62 13.44 -10.87 -10.27
N LEU A 63 14.08 -10.69 -9.11
CA LEU A 63 13.85 -9.47 -8.33
C LEU A 63 14.23 -8.25 -9.16
N GLN A 64 15.39 -8.28 -9.80
CA GLN A 64 15.81 -7.16 -10.64
C GLN A 64 14.82 -6.89 -11.77
N PHE A 65 14.38 -7.94 -12.46
CA PHE A 65 13.42 -7.80 -13.55
C PHE A 65 12.14 -7.12 -13.09
N CYS A 66 11.59 -7.55 -11.96
CA CYS A 66 10.26 -7.10 -11.55
C CYS A 66 10.29 -5.67 -11.02
N THR A 67 11.42 -5.27 -10.44
CA THR A 67 11.52 -3.97 -9.79
C THR A 67 12.18 -2.93 -10.68
N ASP A 68 12.67 -3.30 -11.85
CA ASP A 68 13.24 -2.29 -12.74
C ASP A 68 12.24 -1.14 -12.96
N PRO A 69 12.64 0.11 -12.75
CA PRO A 69 11.70 1.23 -12.89
C PRO A 69 11.04 1.34 -14.25
N ARG A 70 11.57 0.69 -15.27
CA ARG A 70 10.96 0.73 -16.59
C ARG A 70 9.97 -0.39 -16.79
N ASN A 71 9.70 -1.19 -15.76
CA ASN A 71 8.79 -2.34 -15.83
C ASN A 71 7.65 -2.16 -14.84
N PRO A 72 6.53 -1.56 -15.24
CA PRO A 72 5.52 -1.17 -14.24
C PRO A 72 4.72 -2.33 -13.70
N ILE A 73 4.58 -3.42 -14.46
CA ILE A 73 3.75 -4.53 -14.04
C ILE A 73 4.23 -5.75 -14.82
N THR A 74 4.34 -6.87 -14.12
CA THR A 74 4.79 -8.14 -14.64
C THR A 74 3.80 -9.23 -14.22
N VAL A 75 3.50 -10.16 -15.12
CA VAL A 75 2.71 -11.33 -14.77
C VAL A 75 3.60 -12.56 -14.85
N ILE A 76 3.55 -13.39 -13.83
CA ILE A 76 4.39 -14.55 -13.73
C ILE A 76 3.47 -15.77 -13.83
N ARG A 77 3.46 -16.37 -15.04
CA ARG A 77 2.46 -17.36 -15.47
C ARG A 77 2.69 -18.67 -14.73
N GLY A 78 1.61 -19.44 -14.57
CA GLY A 78 1.60 -20.60 -13.68
C GLY A 78 2.64 -20.61 -12.57
N LEU A 79 2.74 -19.54 -11.78
CA LEU A 79 3.71 -19.56 -10.69
C LEU A 79 3.29 -20.51 -9.57
N ALA A 80 1.99 -20.63 -9.34
CA ALA A 80 1.46 -21.51 -8.29
C ALA A 80 1.93 -22.95 -8.46
N GLY A 81 1.60 -23.58 -9.58
CA GLY A 81 2.11 -24.91 -9.86
C GLY A 81 3.62 -24.97 -9.92
N SER A 82 4.25 -23.90 -10.41
CA SER A 82 5.71 -23.87 -10.47
C SER A 82 6.34 -24.22 -9.12
N LEU A 83 5.91 -23.54 -8.04
CA LEU A 83 6.47 -23.74 -6.69
C LEU A 83 5.66 -24.71 -5.80
N ARG A 84 4.69 -25.42 -6.36
CA ARG A 84 3.91 -26.41 -5.58
C ARG A 84 3.12 -25.73 -4.46
N LEU A 85 2.59 -24.55 -4.78
CA LEU A 85 1.68 -23.86 -3.87
C LEU A 85 0.33 -24.50 -4.01
N ASN A 86 -0.24 -24.90 -2.88
CA ASN A 86 -1.58 -25.47 -2.90
C ASN A 86 -2.58 -24.32 -2.82
N LEU A 87 -2.96 -23.80 -3.98
CA LEU A 87 -3.93 -22.70 -3.97
C LEU A 87 -5.34 -23.16 -3.62
N GLY A 88 -5.59 -24.46 -3.61
CA GLY A 88 -6.86 -24.97 -3.13
C GLY A 88 -7.14 -24.61 -1.68
N LEU A 89 -6.08 -24.33 -0.92
CA LEU A 89 -6.30 -23.85 0.43
C LEU A 89 -6.98 -22.49 0.45
N PHE A 90 -7.08 -21.80 -0.69
CA PHE A 90 -7.78 -20.54 -0.77
C PHE A 90 -9.07 -20.65 -1.57
N SER A 91 -9.52 -21.87 -1.85
CA SER A 91 -10.85 -22.02 -2.42
C SER A 91 -11.90 -21.49 -1.46
N THR A 92 -13.05 -21.16 -2.01
CA THR A 92 -14.11 -20.60 -1.20
C THR A 92 -14.58 -21.64 -0.19
N LYS A 93 -14.67 -22.90 -0.61
CA LYS A 93 -15.08 -23.99 0.29
C LYS A 93 -14.15 -24.09 1.48
N THR A 94 -12.84 -24.15 1.24
CA THR A 94 -11.85 -24.23 2.32
C THR A 94 -11.91 -23.00 3.21
N LEU A 95 -11.98 -21.81 2.61
CA LEU A 95 -12.06 -20.58 3.38
C LEU A 95 -13.29 -20.56 4.28
N VAL A 96 -14.44 -20.97 3.77
CA VAL A 96 -15.66 -20.97 4.56
C VAL A 96 -15.49 -21.91 5.75
N GLU A 97 -14.97 -23.12 5.50
CA GLU A 97 -14.85 -24.09 6.58
C GLU A 97 -13.94 -23.57 7.68
N ALA A 98 -12.93 -22.77 7.33
CA ALA A 98 -12.00 -22.24 8.32
C ALA A 98 -12.48 -20.95 8.96
N SER A 99 -13.46 -20.27 8.39
CA SER A 99 -13.86 -18.96 8.86
C SER A 99 -14.66 -19.03 10.17
N GLY A 100 -14.68 -17.89 10.86
CA GLY A 100 -15.65 -17.61 11.89
C GLY A 100 -16.68 -16.59 11.44
N GLU A 101 -17.40 -16.04 12.41
CA GLU A 101 -18.49 -15.14 12.08
C GLU A 101 -18.02 -13.71 11.87
N HIS A 102 -16.72 -13.50 11.66
CA HIS A 102 -16.19 -12.15 11.67
C HIS A 102 -16.79 -11.34 10.54
N THR A 103 -17.08 -10.10 10.84
CA THR A 103 -17.58 -9.18 9.84
C THR A 103 -16.50 -8.89 8.80
N VAL A 104 -16.93 -8.88 7.53
CA VAL A 104 -16.11 -8.49 6.39
C VAL A 104 -16.87 -7.47 5.57
N GLU A 105 -16.14 -6.75 4.72
CA GLU A 105 -16.81 -5.73 3.92
C GLU A 105 -17.02 -6.13 2.47
N VAL A 106 -17.98 -5.45 1.86
N VAL A 106 -18.04 -5.53 1.86
CA VAL A 106 -18.51 -5.69 0.53
CA VAL A 106 -18.38 -5.74 0.47
C VAL A 106 -18.57 -4.36 -0.19
C VAL A 106 -18.55 -4.38 -0.20
N ARG A 107 -18.36 -4.39 -1.51
CA ARG A 107 -18.72 -3.28 -2.38
C ARG A 107 -19.83 -3.75 -3.31
N THR A 108 -20.89 -2.95 -3.41
CA THR A 108 -21.96 -3.16 -4.36
C THR A 108 -21.72 -2.30 -5.59
N GLN A 109 -21.78 -2.91 -6.76
CA GLN A 109 -21.38 -2.24 -7.98
C GLN A 109 -22.35 -2.63 -9.10
N VAL A 110 -22.31 -1.89 -10.19
CA VAL A 110 -23.04 -2.24 -11.42
C VAL A 110 -22.17 -3.18 -12.24
N GLN A 111 -22.73 -4.30 -12.64
CA GLN A 111 -22.01 -5.19 -13.56
C GLN A 111 -21.94 -4.54 -14.94
N GLN A 112 -20.73 -4.33 -15.45
CA GLN A 112 -20.51 -3.68 -16.74
C GLN A 112 -19.25 -4.24 -17.37
N PRO A 113 -19.13 -4.15 -18.71
CA PRO A 113 -17.89 -4.57 -19.37
C PRO A 113 -16.68 -3.85 -18.81
N SER A 114 -15.57 -4.56 -18.76
CA SER A 114 -14.38 -4.04 -18.10
C SER A 114 -13.84 -2.79 -18.77
N ASP A 115 -14.15 -2.55 -20.04
CA ASP A 115 -13.67 -1.32 -20.68
C ASP A 115 -14.68 -0.20 -20.59
N GLU A 116 -15.69 -0.31 -19.73
CA GLU A 116 -16.76 0.67 -19.72
C GLU A 116 -17.14 1.08 -18.30
N ASN A 117 -17.76 2.25 -18.24
CA ASN A 117 -18.33 2.73 -17.00
C ASN A 117 -19.36 3.81 -17.37
N TRP A 118 -20.62 3.46 -17.26
CA TRP A 118 -21.72 4.25 -17.80
C TRP A 118 -22.32 5.14 -16.74
N ASP A 119 -22.77 6.31 -17.17
CA ASP A 119 -23.56 7.19 -16.33
C ASP A 119 -24.94 6.58 -16.11
N LEU A 120 -25.75 7.26 -15.29
CA LEU A 120 -27.04 6.71 -14.88
C LEU A 120 -27.96 6.46 -16.08
N THR A 121 -27.95 7.33 -17.07
CA THR A 121 -28.82 7.19 -18.23
C THR A 121 -28.34 6.14 -19.23
N GLY A 122 -27.15 5.57 -19.03
CA GLY A 122 -26.64 4.59 -19.98
C GLY A 122 -26.40 5.18 -21.36
N THR A 123 -26.02 6.45 -21.44
CA THR A 123 -25.73 7.06 -22.73
C THR A 123 -24.28 7.50 -22.88
N ARG A 124 -23.52 7.62 -21.79
CA ARG A 124 -22.14 8.02 -21.95
C ARG A 124 -21.26 7.44 -20.85
N GLN A 125 -19.98 7.39 -21.17
CA GLN A 125 -18.94 6.92 -20.28
C GLN A 125 -18.52 8.04 -19.35
N ILE A 126 -18.24 7.69 -18.10
CA ILE A 126 -17.81 8.65 -17.11
C ILE A 126 -16.67 8.01 -16.31
N TRP A 127 -15.98 8.85 -15.52
CA TRP A 127 -14.89 8.41 -14.61
C TRP A 127 -15.35 7.92 -13.24
N PRO A 128 -16.17 8.67 -12.51
CA PRO A 128 -16.59 8.19 -11.19
C PRO A 128 -17.31 6.86 -11.30
N CYS A 129 -17.00 5.95 -10.37
CA CYS A 129 -17.44 4.56 -10.43
C CYS A 129 -18.17 4.21 -9.14
N GLU A 130 -19.44 3.85 -9.26
CA GLU A 130 -20.25 3.54 -8.11
C GLU A 130 -19.74 2.28 -7.42
N SER A 131 -19.55 2.35 -6.10
CA SER A 131 -19.03 1.22 -5.33
C SER A 131 -19.33 1.45 -3.84
N SER A 132 -20.49 0.97 -3.38
CA SER A 132 -20.97 1.28 -2.03
CA SER A 132 -21.00 1.27 -2.04
C SER A 132 -20.63 0.19 -1.03
N ARG A 133 -20.39 0.62 0.21
CA ARG A 133 -19.95 -0.26 1.29
C ARG A 133 -21.11 -0.87 2.05
N SER A 134 -20.96 -2.15 2.38
CA SER A 134 -21.80 -2.80 3.36
C SER A 134 -20.96 -3.92 3.97
N HIS A 135 -21.59 -4.73 4.79
CA HIS A 135 -20.86 -5.74 5.55
C HIS A 135 -21.59 -7.07 5.54
N THR A 136 -20.83 -8.13 5.74
CA THR A 136 -21.40 -9.48 5.72
C THR A 136 -20.43 -10.38 6.47
N THR A 137 -20.49 -11.69 6.22
CA THR A 137 -19.51 -12.65 6.69
C THR A 137 -18.97 -13.42 5.48
N ILE A 138 -17.83 -14.07 5.68
CA ILE A 138 -17.28 -14.93 4.62
C ILE A 138 -18.31 -15.96 4.17
N ALA A 139 -18.95 -16.65 5.14
CA ALA A 139 -19.90 -17.70 4.80
C ALA A 139 -21.11 -17.16 4.05
N LYS A 140 -21.60 -15.99 4.44
CA LYS A 140 -22.74 -15.43 3.72
C LYS A 140 -22.34 -14.87 2.37
N TYR A 141 -21.14 -14.28 2.27
CA TYR A 141 -20.72 -13.84 0.94
C TYR A 141 -20.54 -15.05 0.01
N ALA A 142 -19.99 -16.14 0.55
CA ALA A 142 -19.78 -17.38 -0.20
C ALA A 142 -21.08 -17.92 -0.77
N GLN A 143 -22.16 -17.85 -0.01
CA GLN A 143 -23.46 -18.28 -0.50
C GLN A 143 -23.91 -17.43 -1.69
N TYR A 144 -23.65 -16.12 -1.62
CA TYR A 144 -23.95 -15.23 -2.74
C TYR A 144 -23.09 -15.58 -3.95
N GLN A 145 -21.79 -15.74 -3.74
CA GLN A 145 -20.90 -16.08 -4.85
C GLN A 145 -21.34 -17.38 -5.53
N ALA A 146 -21.73 -18.38 -4.76
CA ALA A 146 -22.14 -19.66 -5.33
C ALA A 146 -23.49 -19.55 -6.02
N SER A 147 -24.39 -18.75 -5.46
CA SER A 147 -25.71 -18.58 -6.06
C SER A 147 -25.61 -17.80 -7.36
N SER A 148 -24.70 -16.82 -7.40
CA SER A 148 -24.37 -16.14 -8.64
C SER A 148 -23.91 -17.14 -9.70
N PHE A 149 -22.95 -17.99 -9.34
CA PHE A 149 -22.41 -18.96 -10.27
C PHE A 149 -23.48 -19.95 -10.74
N GLN A 150 -24.48 -20.23 -9.92
CA GLN A 150 -25.58 -21.11 -10.34
C GLN A 150 -26.67 -20.35 -11.07
N GLU A 151 -26.59 -19.03 -11.13
CA GLU A 151 -27.59 -18.20 -11.77
C GLU A 151 -28.94 -18.36 -11.07
N SER A 152 -28.92 -18.13 -9.76
CA SER A 152 -30.13 -18.25 -8.93
C SER A 152 -30.18 -17.15 -7.88
N HIS A 185 -27.63 -4.64 -13.99
CA HIS A 185 -27.49 -5.67 -12.97
C HIS A 185 -26.50 -5.31 -11.86
N ILE A 186 -26.91 -5.45 -10.62
CA ILE A 186 -26.10 -5.09 -9.47
C ILE A 186 -25.31 -6.31 -9.02
N ILE A 187 -24.05 -6.13 -8.61
CA ILE A 187 -23.26 -7.24 -8.08
C ILE A 187 -22.60 -6.84 -6.76
N LYS A 188 -22.21 -7.84 -5.99
CA LYS A 188 -21.49 -7.65 -4.74
C LYS A 188 -20.12 -8.32 -4.81
N PHE A 189 -19.15 -7.65 -4.18
CA PHE A 189 -17.72 -7.98 -4.20
C PHE A 189 -17.22 -8.02 -2.76
N GLY A 190 -16.79 -9.19 -2.28
CA GLY A 190 -16.19 -9.29 -0.95
C GLY A 190 -14.75 -8.86 -1.00
N THR A 191 -14.41 -7.73 -0.36
CA THR A 191 -13.13 -7.07 -0.58
C THR A 191 -12.38 -6.86 0.73
N ASN A 192 -11.04 -6.82 0.61
CA ASN A 192 -10.13 -6.53 1.71
C ASN A 192 -10.37 -7.41 2.93
N ILE A 193 -10.63 -8.70 2.69
CA ILE A 193 -10.91 -9.66 3.75
C ILE A 193 -9.62 -10.07 4.42
N ASP A 194 -9.50 -9.77 5.69
CA ASP A 194 -8.22 -9.90 6.38
C ASP A 194 -7.96 -11.35 6.75
N LEU A 195 -6.85 -11.88 6.24
CA LEU A 195 -6.38 -13.21 6.59
C LEU A 195 -5.16 -13.04 7.48
N SER A 196 -5.28 -12.22 8.51
CA SER A 196 -4.14 -11.88 9.37
C SER A 196 -4.01 -12.79 10.59
N ASP A 197 -5.08 -13.44 11.02
CA ASP A 197 -5.03 -14.30 12.20
C ASP A 197 -4.09 -15.48 11.97
N ALA A 198 -2.96 -15.51 12.68
CA ALA A 198 -1.96 -16.56 12.41
C ALA A 198 -2.52 -17.95 12.68
N LYS A 199 -3.44 -18.08 13.61
CA LYS A 199 -3.96 -19.40 13.94
C LYS A 199 -5.06 -19.81 12.98
N ARG A 200 -6.06 -18.94 12.79
CA ARG A 200 -7.18 -19.29 11.95
C ARG A 200 -6.74 -19.63 10.54
N TRP A 201 -5.74 -18.91 10.03
CA TRP A 201 -5.32 -19.02 8.63
C TRP A 201 -3.95 -19.68 8.46
N LYS A 202 -3.55 -20.54 9.40
CA LYS A 202 -2.20 -21.07 9.39
C LYS A 202 -1.86 -21.87 8.14
N PRO A 203 -2.64 -22.87 7.72
CA PRO A 203 -2.24 -23.60 6.52
C PRO A 203 -2.14 -22.69 5.31
N GLN A 204 -3.06 -21.74 5.19
CA GLN A 204 -3.02 -20.76 4.10
C GLN A 204 -1.72 -19.98 4.10
N LEU A 205 -1.43 -19.32 5.22
CA LEU A 205 -0.24 -18.48 5.30
C LEU A 205 1.05 -19.28 5.15
N GLN A 206 1.05 -20.54 5.61
CA GLN A 206 2.22 -21.39 5.45
C GLN A 206 2.54 -21.63 3.98
N GLU A 207 1.51 -21.80 3.16
CA GLU A 207 1.71 -22.00 1.73
C GLU A 207 2.44 -20.81 1.11
N LEU A 208 2.20 -19.59 1.61
CA LEU A 208 2.83 -18.42 1.02
C LEU A 208 4.25 -18.24 1.47
N LEU A 209 4.71 -19.02 2.46
CA LEU A 209 6.12 -19.00 2.83
C LEU A 209 7.00 -19.61 1.75
N LYS A 210 6.40 -20.33 0.80
CA LYS A 210 7.12 -20.93 -0.31
C LYS A 210 7.50 -19.95 -1.41
N LEU A 211 6.95 -18.75 -1.40
CA LEU A 211 7.23 -17.76 -2.43
C LEU A 211 8.69 -17.31 -2.32
N PRO A 212 9.27 -16.77 -3.39
CA PRO A 212 10.61 -16.19 -3.26
C PRO A 212 10.57 -15.04 -2.27
N ALA A 213 11.72 -14.81 -1.62
CA ALA A 213 11.73 -13.93 -0.47
C ALA A 213 11.18 -12.56 -0.80
N PHE A 214 11.53 -12.01 -1.99
CA PHE A 214 11.12 -10.64 -2.22
C PHE A 214 9.62 -10.52 -2.45
N MET A 215 8.93 -11.64 -2.67
CA MET A 215 7.49 -11.62 -2.78
C MET A 215 6.77 -11.93 -1.47
N ARG A 216 7.49 -12.31 -0.43
CA ARG A 216 6.80 -12.84 0.73
C ARG A 216 6.16 -11.72 1.54
N VAL A 217 5.17 -12.10 2.35
CA VAL A 217 4.48 -11.12 3.18
C VAL A 217 5.46 -10.48 4.16
N THR A 218 6.45 -11.24 4.62
CA THR A 218 7.42 -10.81 5.63
C THR A 218 8.79 -11.25 5.19
N SER A 219 9.73 -10.32 5.18
CA SER A 219 11.10 -10.60 4.77
C SER A 219 11.99 -9.45 5.20
N THR A 220 13.26 -9.74 5.41
CA THR A 220 14.15 -8.67 5.85
C THR A 220 14.51 -7.73 4.72
N GLY A 221 14.32 -8.11 3.46
CA GLY A 221 14.49 -7.15 2.37
C GLY A 221 13.22 -6.39 2.04
N ASN A 222 12.25 -6.41 2.95
CA ASN A 222 10.95 -5.80 2.74
C ASN A 222 10.77 -4.66 3.74
N MET A 223 10.70 -3.43 3.25
CA MET A 223 10.55 -2.28 4.12
C MET A 223 9.34 -2.40 5.04
N LEU A 224 8.27 -3.03 4.55
CA LEU A 224 7.05 -3.14 5.33
C LEU A 224 7.22 -4.09 6.51
N SER A 225 8.23 -4.94 6.47
CA SER A 225 8.55 -5.80 7.60
C SER A 225 9.44 -5.09 8.60
N HIS A 226 9.68 -3.79 8.42
CA HIS A 226 10.42 -2.96 9.36
C HIS A 226 9.55 -1.83 9.87
N VAL A 227 8.24 -1.93 9.68
CA VAL A 227 7.29 -1.10 10.39
C VAL A 227 7.22 -1.53 11.85
N GLY A 228 7.39 -2.81 12.14
CA GLY A 228 7.24 -3.28 13.51
C GLY A 228 5.82 -3.32 14.06
N HIS A 229 4.82 -2.85 13.32
CA HIS A 229 3.42 -3.11 13.66
C HIS A 229 2.63 -3.50 12.40
N THR A 230 1.37 -3.86 12.61
CA THR A 230 0.56 -4.43 11.55
C THR A 230 -0.10 -3.33 10.74
N ILE A 231 -0.01 -3.43 9.42
CA ILE A 231 -0.79 -2.60 8.50
C ILE A 231 -1.62 -3.60 7.70
N LEU A 232 -2.87 -3.78 8.11
CA LEU A 232 -3.70 -4.84 7.54
C LEU A 232 -3.84 -4.67 6.03
N GLY A 233 -3.50 -5.72 5.31
CA GLY A 233 -3.60 -5.73 3.86
C GLY A 233 -2.36 -5.24 3.16
N MET A 234 -1.42 -4.66 3.90
CA MET A 234 -0.12 -4.30 3.32
C MET A 234 0.94 -5.28 3.79
N ASN A 235 1.22 -5.37 5.10
CA ASN A 235 2.11 -6.43 5.59
C ASN A 235 1.34 -7.58 6.25
N THR A 236 0.07 -7.75 5.87
CA THR A 236 -0.70 -8.97 6.07
C THR A 236 -1.55 -9.21 4.81
N VAL A 237 -2.03 -10.43 4.66
CA VAL A 237 -2.76 -10.83 3.47
C VAL A 237 -4.21 -10.39 3.55
N GLN A 238 -4.73 -9.89 2.42
CA GLN A 238 -6.15 -9.74 2.21
C GLN A 238 -6.62 -10.61 1.06
N LEU A 239 -7.85 -11.07 1.23
CA LEU A 239 -8.60 -11.89 0.31
C LEU A 239 -9.67 -11.06 -0.37
N TYR A 240 -9.89 -11.36 -1.64
CA TYR A 240 -10.92 -10.75 -2.46
C TYR A 240 -11.73 -11.88 -3.06
N MET A 241 -13.03 -11.89 -2.79
CA MET A 241 -13.95 -12.91 -3.26
C MET A 241 -14.86 -12.24 -4.26
N LYS A 242 -14.87 -12.73 -5.51
CA LYS A 242 -15.42 -11.99 -6.64
C LYS A 242 -16.48 -12.79 -7.40
N VAL A 243 -17.40 -12.06 -8.01
CA VAL A 243 -18.23 -12.54 -9.10
C VAL A 243 -17.86 -11.73 -10.34
N PRO A 244 -18.24 -12.18 -11.53
CA PRO A 244 -17.95 -11.40 -12.73
C PRO A 244 -18.41 -9.96 -12.60
N GLY A 245 -17.53 -9.03 -12.98
CA GLY A 245 -17.84 -7.64 -12.88
C GLY A 245 -17.22 -6.94 -11.68
N SER A 246 -16.82 -7.69 -10.64
CA SER A 246 -16.26 -7.12 -9.40
C SER A 246 -15.01 -6.31 -9.72
N ARG A 247 -15.02 -5.03 -9.30
CA ARG A 247 -13.97 -4.10 -9.68
C ARG A 247 -13.22 -3.60 -8.46
N THR A 248 -11.89 -3.52 -8.61
CA THR A 248 -11.06 -2.69 -7.75
C THR A 248 -10.68 -1.49 -8.58
N PRO A 249 -11.20 -0.32 -8.27
CA PRO A 249 -11.05 0.85 -9.14
C PRO A 249 -9.66 1.48 -9.04
N GLY A 250 -9.46 2.52 -9.85
CA GLY A 250 -8.14 2.99 -10.15
C GLY A 250 -7.44 3.52 -8.92
N HIS A 251 -6.17 3.14 -8.78
CA HIS A 251 -5.37 3.60 -7.65
C HIS A 251 -3.91 3.36 -7.90
N GLN A 252 -3.10 4.08 -7.13
CA GLN A 252 -1.79 3.64 -6.73
C GLN A 252 -1.88 3.08 -5.31
N GLU A 253 -0.96 2.17 -5.01
CA GLU A 253 -0.93 1.59 -3.68
C GLU A 253 -0.66 2.67 -2.64
N ASN A 254 -1.04 2.38 -1.39
CA ASN A 254 -0.65 3.25 -0.28
C ASN A 254 0.86 3.46 -0.28
N ASN A 255 1.26 4.73 -0.22
CA ASN A 255 2.67 5.15 -0.25
C ASN A 255 3.44 4.48 -1.40
N ASN A 256 2.74 4.20 -2.49
CA ASN A 256 3.34 3.72 -3.76
C ASN A 256 4.14 2.42 -3.58
N PHE A 257 3.78 1.61 -2.59
CA PHE A 257 4.45 0.32 -2.43
C PHE A 257 4.06 -0.67 -3.52
N CYS A 258 5.01 -1.54 -3.85
CA CYS A 258 4.72 -2.65 -4.75
C CYS A 258 3.62 -3.51 -4.20
N SER A 259 3.00 -4.28 -5.10
CA SER A 259 1.91 -5.16 -4.72
C SER A 259 2.12 -6.52 -5.38
N VAL A 260 1.72 -7.56 -4.66
CA VAL A 260 1.67 -8.95 -5.14
C VAL A 260 0.21 -9.40 -5.10
N ASN A 261 -0.25 -10.00 -6.20
CA ASN A 261 -1.63 -10.47 -6.31
C ASN A 261 -1.61 -11.85 -6.93
N ILE A 262 -2.21 -12.84 -6.27
CA ILE A 262 -2.38 -14.17 -6.85
C ILE A 262 -3.84 -14.45 -7.07
N ASN A 263 -4.17 -14.87 -8.28
CA ASN A 263 -5.53 -15.28 -8.61
C ASN A 263 -5.69 -16.75 -8.27
N ILE A 264 -6.65 -17.05 -7.39
CA ILE A 264 -6.90 -18.44 -7.02
C ILE A 264 -7.73 -19.15 -8.08
N GLY A 265 -8.56 -18.40 -8.81
CA GLY A 265 -9.50 -19.00 -9.72
C GLY A 265 -10.81 -19.26 -8.99
N PRO A 266 -11.73 -19.93 -9.65
CA PRO A 266 -11.46 -20.65 -10.91
C PRO A 266 -11.48 -19.76 -12.16
N GLY A 267 -12.02 -18.55 -12.04
CA GLY A 267 -12.10 -17.64 -13.15
C GLY A 267 -10.85 -16.78 -13.30
N ASP A 268 -10.89 -15.93 -14.34
CA ASP A 268 -9.83 -15.01 -14.70
C ASP A 268 -10.13 -13.59 -14.21
N CYS A 269 -9.06 -12.78 -14.10
CA CYS A 269 -9.16 -11.35 -13.80
C CYS A 269 -8.49 -10.57 -14.90
N GLU A 270 -9.07 -9.41 -15.23
CA GLU A 270 -8.56 -8.53 -16.25
C GLU A 270 -7.94 -7.31 -15.59
N TRP A 271 -6.72 -6.99 -15.99
CA TRP A 271 -5.92 -5.93 -15.39
C TRP A 271 -5.68 -4.82 -16.39
N PHE A 272 -5.60 -3.60 -15.85
CA PHE A 272 -5.27 -2.38 -16.57
C PHE A 272 -4.23 -1.64 -15.76
N ALA A 273 -3.19 -1.14 -16.42
CA ALA A 273 -2.13 -0.46 -15.69
C ALA A 273 -1.43 0.59 -16.53
N VAL A 274 -0.93 1.60 -15.82
CA VAL A 274 -0.23 2.76 -16.38
C VAL A 274 0.99 3.05 -15.51
N HIS A 275 2.11 3.35 -16.16
CA HIS A 275 3.34 3.66 -15.47
C HIS A 275 3.17 4.87 -14.54
N GLU A 276 3.85 4.84 -13.39
CA GLU A 276 3.88 5.92 -12.40
C GLU A 276 3.99 7.30 -13.03
N HIS A 277 4.78 7.40 -14.10
CA HIS A 277 5.10 8.70 -14.70
C HIS A 277 3.87 9.51 -15.06
N TYR A 278 2.75 8.85 -15.37
CA TYR A 278 1.56 9.53 -15.86
C TYR A 278 0.54 9.82 -14.79
N TRP A 279 0.88 9.62 -13.51
CA TRP A 279 -0.16 9.65 -12.50
C TRP A 279 -0.78 11.03 -12.37
N GLU A 280 -0.01 12.10 -12.58
CA GLU A 280 -0.56 13.45 -12.42
C GLU A 280 -1.58 13.76 -13.51
N THR A 281 -1.35 13.23 -14.71
CA THR A 281 -2.34 13.38 -15.78
C THR A 281 -3.65 12.67 -15.44
N ILE A 282 -3.56 11.48 -14.83
CA ILE A 282 -4.77 10.77 -14.43
C ILE A 282 -5.45 11.50 -13.29
N SER A 283 -4.66 12.09 -12.39
CA SER A 283 -5.24 12.84 -11.30
C SER A 283 -6.04 14.02 -11.86
N ALA A 284 -5.55 14.64 -12.94
CA ALA A 284 -6.25 15.77 -13.53
C ALA A 284 -7.57 15.34 -14.14
N PHE A 285 -7.67 14.12 -14.67
CA PHE A 285 -8.97 13.65 -15.15
C PHE A 285 -9.94 13.50 -14.00
N CYS A 286 -9.46 12.93 -12.89
CA CYS A 286 -10.33 12.72 -11.75
C CYS A 286 -10.90 14.05 -11.31
N ASP A 287 -10.03 15.05 -11.18
CA ASP A 287 -10.46 16.38 -10.76
C ASP A 287 -11.46 16.97 -11.74
N ARG A 288 -11.15 16.90 -13.03
CA ARG A 288 -12.08 17.38 -14.06
C ARG A 288 -13.46 16.77 -13.89
N HIS A 289 -13.52 15.52 -13.47
CA HIS A 289 -14.80 14.83 -13.30
C HIS A 289 -15.27 14.78 -11.86
N GLY A 290 -14.67 15.57 -10.98
CA GLY A 290 -15.23 15.71 -9.64
C GLY A 290 -15.09 14.49 -8.76
N VAL A 291 -14.05 13.69 -8.97
CA VAL A 291 -13.78 12.54 -8.11
C VAL A 291 -12.34 12.62 -7.62
N ASP A 292 -12.14 12.22 -6.37
CA ASP A 292 -10.82 12.43 -5.75
C ASP A 292 -9.85 11.35 -6.24
N TYR A 293 -8.70 11.79 -6.73
CA TYR A 293 -7.71 10.85 -7.26
C TYR A 293 -7.25 9.89 -6.17
N LEU A 294 -6.81 10.42 -5.04
CA LEU A 294 -6.13 9.56 -4.09
C LEU A 294 -7.07 8.65 -3.32
N THR A 295 -8.31 9.08 -3.06
CA THR A 295 -9.18 8.35 -2.13
C THR A 295 -10.54 8.02 -2.70
N GLY A 296 -10.84 8.49 -3.90
CA GLY A 296 -12.14 8.25 -4.48
C GLY A 296 -12.19 7.01 -5.34
N SER A 297 -13.37 6.76 -5.88
CA SER A 297 -13.67 5.59 -6.70
C SER A 297 -13.86 6.01 -8.15
N TRP A 298 -12.88 5.68 -9.02
CA TRP A 298 -12.93 6.10 -10.41
C TRP A 298 -12.42 5.00 -11.32
N TRP A 299 -12.93 5.02 -12.56
CA TRP A 299 -12.59 4.03 -13.58
C TRP A 299 -12.24 4.79 -14.85
N PRO A 300 -10.99 4.73 -15.32
CA PRO A 300 -10.61 5.56 -16.49
C PRO A 300 -11.41 5.24 -17.74
N ILE A 301 -11.69 6.29 -18.51
CA ILE A 301 -12.11 6.12 -19.90
C ILE A 301 -10.85 5.84 -20.70
N LEU A 302 -10.78 4.66 -21.30
CA LEU A 302 -9.54 4.26 -21.94
C LEU A 302 -9.18 5.22 -23.07
N ASP A 303 -10.17 5.71 -23.84
CA ASP A 303 -9.83 6.63 -24.93
C ASP A 303 -9.33 7.98 -24.42
N ASP A 304 -9.71 8.38 -23.21
CA ASP A 304 -9.08 9.57 -22.59
C ASP A 304 -7.59 9.36 -22.38
N LEU A 305 -7.21 8.19 -21.84
CA LEU A 305 -5.78 7.89 -21.64
C LEU A 305 -5.05 7.87 -22.97
N TYR A 306 -5.66 7.22 -23.96
CA TYR A 306 -5.07 7.14 -25.29
C TYR A 306 -4.90 8.51 -25.92
N ALA A 307 -5.95 9.34 -25.89
CA ALA A 307 -5.87 10.72 -26.37
C ALA A 307 -4.76 11.50 -25.68
N SER A 308 -4.52 11.20 -24.41
CA SER A 308 -3.46 11.87 -23.67
C SER A 308 -2.09 11.26 -23.88
N ASN A 309 -1.94 10.28 -24.78
CA ASN A 309 -0.64 9.72 -25.09
C ASN A 309 -0.10 8.83 -23.96
N ILE A 310 -0.99 8.19 -23.22
CA ILE A 310 -0.63 7.36 -22.07
C ILE A 310 -0.74 5.90 -22.49
N PRO A 311 0.36 5.16 -22.55
CA PRO A 311 0.26 3.72 -22.80
C PRO A 311 -0.49 3.02 -21.67
N VAL A 312 -1.34 2.07 -22.05
CA VAL A 312 -2.10 1.28 -21.07
C VAL A 312 -1.81 -0.22 -21.28
N TYR A 313 -1.27 -0.84 -20.25
CA TYR A 313 -1.11 -2.29 -20.22
C TYR A 313 -2.45 -2.91 -19.90
N ARG A 314 -2.76 -3.99 -20.60
CA ARG A 314 -4.01 -4.72 -20.45
C ARG A 314 -3.65 -6.19 -20.59
N PHE A 315 -4.00 -6.98 -19.60
CA PHE A 315 -3.71 -8.40 -19.69
C PHE A 315 -4.68 -9.15 -18.78
N VAL A 316 -4.67 -10.47 -18.93
CA VAL A 316 -5.55 -11.35 -18.20
C VAL A 316 -4.72 -12.18 -17.22
N GLN A 317 -5.16 -12.22 -15.99
CA GLN A 317 -4.51 -12.99 -14.95
C GLN A 317 -5.31 -14.27 -14.72
N ARG A 318 -4.74 -15.39 -15.11
CA ARG A 318 -5.42 -16.67 -14.97
C ARG A 318 -5.17 -17.27 -13.62
N PRO A 319 -5.94 -18.28 -13.24
CA PRO A 319 -5.68 -18.96 -11.97
C PRO A 319 -4.26 -19.48 -11.88
N GLY A 320 -3.63 -19.20 -10.74
CA GLY A 320 -2.24 -19.54 -10.52
C GLY A 320 -1.25 -18.50 -10.96
N ASP A 321 -1.68 -17.50 -11.75
CA ASP A 321 -0.78 -16.42 -12.18
C ASP A 321 -0.60 -15.40 -11.07
N LEU A 322 0.63 -14.93 -10.92
CA LEU A 322 0.98 -13.90 -9.94
C LEU A 322 1.28 -12.62 -10.66
N VAL A 323 0.61 -11.54 -10.25
CA VAL A 323 0.87 -10.21 -10.78
C VAL A 323 1.75 -9.48 -9.79
N TRP A 324 2.87 -8.96 -10.29
CA TRP A 324 3.74 -8.05 -9.57
C TRP A 324 3.46 -6.63 -10.05
N ILE A 325 2.98 -5.78 -9.15
CA ILE A 325 2.72 -4.38 -9.47
C ILE A 325 3.89 -3.59 -8.93
N ASN A 326 4.73 -3.04 -9.80
CA ASN A 326 5.88 -2.29 -9.37
C ASN A 326 5.47 -0.96 -8.72
N ALA A 327 6.44 -0.32 -8.13
CA ALA A 327 6.20 0.90 -7.34
C ALA A 327 5.54 1.99 -8.16
N GLY A 328 4.45 2.54 -7.61
CA GLY A 328 3.78 3.69 -8.20
C GLY A 328 2.90 3.41 -9.40
N THR A 329 2.81 2.16 -9.87
CA THR A 329 2.01 1.85 -11.04
C THR A 329 0.53 2.07 -10.72
N VAL A 330 -0.15 2.82 -11.60
CA VAL A 330 -1.59 3.07 -11.48
C VAL A 330 -2.31 1.87 -12.09
N HIS A 331 -3.25 1.27 -11.36
CA HIS A 331 -3.90 0.07 -11.90
C HIS A 331 -5.35 -0.03 -11.45
N TRP A 332 -6.09 -0.82 -12.20
CA TRP A 332 -7.46 -1.15 -11.90
C TRP A 332 -7.75 -2.54 -12.47
N VAL A 333 -8.72 -3.23 -11.88
CA VAL A 333 -8.89 -4.68 -12.06
C VAL A 333 -10.36 -5.02 -12.07
N GLN A 334 -10.75 -5.94 -12.94
CA GLN A 334 -12.12 -6.44 -12.95
C GLN A 334 -12.13 -7.95 -13.10
N ALA A 335 -12.93 -8.63 -12.28
CA ALA A 335 -13.07 -10.07 -12.43
C ALA A 335 -13.82 -10.41 -13.71
N THR A 336 -13.26 -11.33 -14.50
CA THR A 336 -13.90 -11.85 -15.69
C THR A 336 -14.85 -12.97 -15.35
N GLY A 337 -14.46 -13.81 -14.40
CA GLY A 337 -15.29 -14.90 -13.93
C GLY A 337 -15.51 -14.86 -12.43
N TRP A 338 -15.84 -16.02 -11.87
CA TRP A 338 -15.92 -16.18 -10.43
C TRP A 338 -14.54 -16.61 -9.97
N CYS A 339 -13.97 -15.85 -9.04
CA CYS A 339 -12.63 -16.14 -8.60
C CYS A 339 -12.41 -15.48 -7.26
N ASN A 340 -11.36 -15.94 -6.57
CA ASN A 340 -10.80 -15.31 -5.39
C ASN A 340 -9.38 -14.88 -5.72
N ASN A 341 -8.95 -13.74 -5.19
CA ASN A 341 -7.57 -13.30 -5.27
C ASN A 341 -7.04 -13.07 -3.87
N ILE A 342 -5.73 -13.18 -3.70
CA ILE A 342 -5.09 -12.77 -2.45
C ILE A 342 -4.01 -11.77 -2.80
N ALA A 343 -3.77 -10.82 -1.90
CA ALA A 343 -2.87 -9.75 -2.26
C ALA A 343 -2.34 -9.12 -0.98
N TRP A 344 -1.13 -8.58 -1.10
CA TRP A 344 -0.48 -7.81 -0.05
C TRP A 344 0.54 -6.91 -0.73
N ASN A 345 1.19 -6.07 0.05
CA ASN A 345 2.22 -5.17 -0.44
C ASN A 345 3.59 -5.62 0.01
N VAL A 346 4.60 -5.17 -0.73
CA VAL A 346 5.99 -5.35 -0.37
C VAL A 346 6.73 -4.08 -0.74
N GLY A 347 7.80 -3.82 -0.02
CA GLY A 347 8.62 -2.67 -0.28
C GLY A 347 10.05 -3.13 -0.47
N PRO A 348 10.39 -3.58 -1.67
CA PRO A 348 11.76 -4.04 -1.90
C PRO A 348 12.72 -2.89 -1.76
N LEU A 349 13.96 -3.26 -1.45
CA LEU A 349 14.99 -2.28 -1.10
C LEU A 349 15.62 -1.74 -2.38
N THR A 350 14.88 -0.87 -3.05
CA THR A 350 15.37 -0.19 -4.22
C THR A 350 15.18 1.31 -4.03
N ALA A 351 16.07 2.07 -4.66
CA ALA A 351 15.97 3.53 -4.61
C ALA A 351 14.64 4.01 -5.19
N TYR A 352 14.22 3.45 -6.33
CA TYR A 352 12.94 3.82 -6.94
C TYR A 352 11.79 3.63 -5.94
N GLN A 353 11.76 2.51 -5.22
CA GLN A 353 10.68 2.27 -4.26
C GLN A 353 10.72 3.33 -3.16
N TYR A 354 11.89 3.53 -2.58
CA TYR A 354 12.00 4.47 -1.47
C TYR A 354 11.64 5.88 -1.91
N GLN A 355 12.14 6.31 -3.06
CA GLN A 355 11.81 7.63 -3.56
C GLN A 355 10.31 7.78 -3.71
N LEU A 356 9.65 6.82 -4.36
CA LEU A 356 8.23 6.99 -4.64
C LEU A 356 7.43 6.94 -3.36
N ALA A 357 7.87 6.13 -2.39
CA ALA A 357 7.17 6.07 -1.11
C ALA A 357 7.29 7.38 -0.35
N LEU A 358 8.50 7.99 -0.35
N LEU A 358 8.48 8.00 -0.38
CA LEU A 358 8.69 9.25 0.33
CA LEU A 358 8.68 9.24 0.34
C LEU A 358 7.98 10.38 -0.40
C LEU A 358 8.07 10.42 -0.40
N GLU A 359 8.00 10.37 -1.74
CA GLU A 359 7.28 11.41 -2.47
C GLU A 359 5.79 11.36 -2.16
N ARG A 360 5.22 10.16 -2.10
CA ARG A 360 3.80 10.08 -1.79
C ARG A 360 3.52 10.45 -0.33
N TYR A 361 4.43 10.06 0.57
CA TYR A 361 4.34 10.50 1.98
C TYR A 361 4.19 12.03 2.08
N GLU A 362 5.07 12.75 1.39
CA GLU A 362 5.02 14.21 1.43
C GLU A 362 3.81 14.76 0.67
N TRP A 363 3.41 14.14 -0.43
CA TRP A 363 2.22 14.61 -1.13
C TRP A 363 0.95 14.38 -0.29
N ASN A 364 0.88 13.25 0.41
CA ASN A 364 -0.25 13.01 1.29
C ASN A 364 -0.37 14.14 2.32
N GLU A 365 0.76 14.57 2.86
CA GLU A 365 0.75 15.66 3.83
C GLU A 365 0.17 16.93 3.20
N VAL A 366 0.58 17.25 1.96
CA VAL A 366 0.00 18.40 1.27
C VAL A 366 -1.51 18.24 1.15
N LYS A 367 -1.96 17.03 0.84
CA LYS A 367 -3.37 16.82 0.56
C LYS A 367 -4.18 16.45 1.78
N ASN A 368 -3.58 16.41 2.97
CA ASN A 368 -4.31 16.10 4.20
C ASN A 368 -4.92 14.70 4.15
N VAL A 369 -4.09 13.74 3.73
CA VAL A 369 -4.43 12.34 3.57
C VAL A 369 -3.41 11.56 4.40
N LYS A 370 -3.87 10.60 5.19
CA LYS A 370 -2.92 9.85 6.01
C LYS A 370 -2.08 8.88 5.16
N SER A 371 -0.76 8.89 5.38
CA SER A 371 0.17 7.85 4.96
C SER A 371 0.10 6.68 5.94
N ILE A 372 -0.41 5.53 5.52
CA ILE A 372 -0.51 4.43 6.47
C ILE A 372 0.79 3.68 6.58
N VAL A 373 1.82 4.04 5.81
CA VAL A 373 3.18 3.58 6.05
C VAL A 373 3.98 4.71 6.69
N PRO A 374 4.50 4.53 7.93
CA PRO A 374 5.15 5.64 8.64
C PRO A 374 6.62 5.75 8.23
N MET A 375 6.88 6.51 7.15
CA MET A 375 8.14 6.37 6.45
C MET A 375 9.35 6.81 7.26
N ILE A 376 9.21 7.77 8.17
CA ILE A 376 10.38 8.13 8.98
C ILE A 376 10.75 7.00 9.92
N HIS A 377 9.76 6.49 10.67
CA HIS A 377 9.99 5.34 11.51
C HIS A 377 10.60 4.19 10.73
N VAL A 378 10.05 3.90 9.55
CA VAL A 378 10.59 2.81 8.74
C VAL A 378 12.05 3.08 8.37
N SER A 379 12.36 4.31 7.97
CA SER A 379 13.70 4.64 7.50
C SER A 379 14.76 4.37 8.56
N TRP A 380 14.50 4.78 9.80
CA TRP A 380 15.44 4.52 10.88
C TRP A 380 15.53 3.04 11.18
N ASN A 381 14.40 2.31 11.14
CA ASN A 381 14.46 0.88 11.43
C ASN A 381 15.31 0.17 10.41
N VAL A 382 15.17 0.57 9.13
CA VAL A 382 15.95 -0.05 8.06
C VAL A 382 17.43 0.24 8.24
N ALA A 383 17.74 1.52 8.51
CA ALA A 383 19.11 1.95 8.75
C ALA A 383 19.75 1.22 9.92
N ARG A 384 18.98 0.97 10.98
CA ARG A 384 19.55 0.27 12.12
C ARG A 384 19.80 -1.21 11.84
N THR A 385 19.00 -1.86 10.99
CA THR A 385 19.02 -3.32 10.95
C THR A 385 19.38 -3.95 9.59
N VAL A 386 19.43 -3.19 8.51
CA VAL A 386 19.58 -3.74 7.15
C VAL A 386 20.81 -3.13 6.48
N LYS A 387 21.64 -3.99 5.88
CA LYS A 387 22.77 -3.51 5.11
C LYS A 387 22.28 -3.07 3.73
N ILE A 388 22.57 -1.83 3.37
CA ILE A 388 22.14 -1.25 2.10
C ILE A 388 23.37 -1.11 1.23
N SER A 389 23.37 -1.81 0.10
CA SER A 389 24.50 -1.79 -0.80
C SER A 389 24.28 -0.90 -2.01
N ASP A 390 23.04 -0.65 -2.37
CA ASP A 390 22.76 0.25 -3.47
C ASP A 390 23.16 1.67 -3.11
N PRO A 391 24.06 2.32 -3.86
CA PRO A 391 24.47 3.68 -3.47
C PRO A 391 23.37 4.72 -3.58
N ASP A 392 22.51 4.62 -4.60
CA ASP A 392 21.37 5.53 -4.69
C ASP A 392 20.44 5.40 -3.48
N LEU A 393 20.06 4.17 -3.13
CA LEU A 393 19.15 4.00 -2.00
C LEU A 393 19.83 4.45 -0.71
N PHE A 394 21.09 4.07 -0.53
CA PHE A 394 21.81 4.52 0.65
C PHE A 394 21.78 6.05 0.81
N LYS A 395 22.16 6.78 -0.25
CA LYS A 395 22.16 8.25 -0.17
C LYS A 395 20.79 8.82 0.23
N MET A 396 19.71 8.21 -0.28
CA MET A 396 18.37 8.71 0.00
C MET A 396 18.01 8.49 1.46
N ILE A 397 18.27 7.30 1.98
CA ILE A 397 17.92 7.03 3.36
C ILE A 397 18.75 7.91 4.27
N LYS A 398 20.05 7.99 3.97
CA LYS A 398 20.95 8.83 4.76
C LYS A 398 20.48 10.29 4.75
N PHE A 399 20.00 10.78 3.61
CA PHE A 399 19.51 12.15 3.54
C PHE A 399 18.27 12.33 4.40
N CYS A 400 17.33 11.38 4.30
CA CYS A 400 16.13 11.42 5.13
C CYS A 400 16.49 11.40 6.62
N LEU A 401 17.40 10.52 7.02
CA LEU A 401 17.72 10.43 8.44
C LEU A 401 18.35 11.72 8.94
N LEU A 402 19.18 12.35 8.11
CA LEU A 402 19.82 13.59 8.51
C LEU A 402 18.80 14.70 8.72
N GLN A 403 17.79 14.79 7.85
CA GLN A 403 16.75 15.80 8.06
C GLN A 403 15.98 15.49 9.33
N SER A 404 15.73 14.22 9.61
CA SER A 404 14.92 13.85 10.78
C SER A 404 15.65 14.19 12.07
N MET A 405 16.95 13.87 12.13
CA MET A 405 17.79 14.31 13.24
C MET A 405 17.74 15.81 13.44
N LYS A 406 17.88 16.56 12.36
CA LYS A 406 17.87 18.00 12.49
C LYS A 406 16.56 18.49 13.06
N HIS A 407 15.43 18.06 12.50
CA HIS A 407 14.13 18.46 13.03
C HIS A 407 14.02 18.13 14.52
N CYS A 408 14.37 16.90 14.90
CA CYS A 408 14.24 16.48 16.30
C CYS A 408 15.10 17.37 17.19
N GLN A 409 16.30 17.70 16.72
CA GLN A 409 17.22 18.51 17.51
C GLN A 409 16.66 19.90 17.72
N VAL A 410 16.14 20.51 16.65
CA VAL A 410 15.53 21.83 16.79
C VAL A 410 14.35 21.77 17.72
N GLN A 411 13.48 20.77 17.54
CA GLN A 411 12.32 20.65 18.41
C GLN A 411 12.76 20.56 19.86
N ARG A 412 13.75 19.71 20.15
CA ARG A 412 14.19 19.48 21.52
C ARG A 412 14.78 20.76 22.12
N GLU A 413 15.60 21.47 21.36
CA GLU A 413 16.23 22.69 21.88
C GLU A 413 15.20 23.75 22.22
N SER A 414 14.15 23.86 21.42
N SER A 414 14.14 23.88 21.42
CA SER A 414 13.05 24.79 21.72
CA SER A 414 13.08 24.81 21.77
C SER A 414 12.35 24.41 23.03
C SER A 414 12.38 24.41 23.07
N LEU A 415 12.13 23.11 23.26
CA LEU A 415 11.50 22.68 24.50
C LEU A 415 12.39 22.98 25.71
N VAL A 416 13.68 22.65 25.60
CA VAL A 416 14.61 22.88 26.71
C VAL A 416 14.70 24.38 27.03
N ARG A 417 14.69 25.23 25.99
CA ARG A 417 14.77 26.67 26.23
C ARG A 417 13.58 27.19 27.02
N ALA A 418 12.40 26.56 26.86
CA ALA A 418 11.21 26.91 27.62
C ALA A 418 11.11 26.23 28.98
N GLY A 419 12.04 25.36 29.35
CA GLY A 419 11.92 24.65 30.62
C GLY A 419 10.85 23.58 30.64
N LYS A 420 10.49 23.03 29.48
CA LYS A 420 9.44 22.00 29.37
C LYS A 420 10.04 20.62 29.64
N LYS A 421 9.50 19.90 30.62
CA LYS A 421 9.99 18.56 30.90
C LYS A 421 9.86 17.67 29.65
N ILE A 422 10.91 16.89 29.38
CA ILE A 422 10.91 15.84 28.37
C ILE A 422 11.29 14.54 29.05
N ALA A 423 10.42 13.55 28.96
CA ALA A 423 10.70 12.25 29.54
C ALA A 423 11.02 11.25 28.44
N TYR A 424 11.95 10.35 28.73
CA TYR A 424 12.29 9.26 27.84
C TYR A 424 11.30 8.12 28.00
N GLN A 425 10.71 7.68 26.89
CA GLN A 425 9.91 6.46 26.87
C GLN A 425 10.41 5.67 25.65
N GLY A 426 11.34 4.74 25.89
CA GLY A 426 12.02 4.09 24.82
C GLY A 426 11.11 3.14 24.03
N ARG A 427 11.60 2.80 22.84
CA ARG A 427 10.88 1.86 22.00
C ARG A 427 10.87 0.47 22.64
N VAL A 428 9.78 -0.27 22.41
CA VAL A 428 9.64 -1.64 22.88
C VAL A 428 9.09 -2.49 21.73
N LYS A 429 9.32 -3.79 21.83
CA LYS A 429 9.00 -4.67 20.71
C LYS A 429 7.51 -4.62 20.39
N ASP A 430 7.21 -4.56 19.09
CA ASP A 430 5.84 -4.57 18.58
C ASP A 430 5.09 -3.29 18.92
N GLU A 431 5.78 -2.28 19.42
CA GLU A 431 5.16 -0.98 19.64
C GLU A 431 4.85 -0.30 18.31
N PRO A 432 3.69 0.31 18.18
CA PRO A 432 3.35 0.96 16.91
C PRO A 432 4.19 2.20 16.69
N ALA A 433 4.07 2.74 15.48
CA ALA A 433 4.49 4.10 15.20
C ALA A 433 3.31 5.02 15.39
N TYR A 434 3.60 6.28 15.70
CA TYR A 434 2.57 7.19 16.19
C TYR A 434 2.28 8.25 15.15
N TYR A 435 1.05 8.76 15.21
CA TYR A 435 0.52 9.75 14.31
C TYR A 435 -0.30 10.77 15.08
N CYS A 436 -0.34 11.99 14.57
CA CYS A 436 -1.13 13.04 15.21
C CYS A 436 -2.63 12.74 15.14
N ASN A 437 -3.28 12.78 16.30
CA ASN A 437 -4.71 12.52 16.37
C ASN A 437 -5.52 13.51 15.54
N GLU A 438 -5.06 14.75 15.45
CA GLU A 438 -5.82 15.80 14.80
C GLU A 438 -5.56 15.87 13.31
N CYS A 439 -4.30 15.86 12.87
CA CYS A 439 -3.99 16.09 11.46
C CYS A 439 -3.45 14.86 10.75
N ASP A 440 -3.22 13.75 11.47
CA ASP A 440 -2.83 12.45 10.94
C ASP A 440 -1.41 12.38 10.38
N VAL A 441 -0.58 13.41 10.59
CA VAL A 441 0.84 13.29 10.20
C VAL A 441 1.54 12.30 11.12
N GLU A 442 2.59 11.68 10.60
CA GLU A 442 3.44 10.86 11.43
C GLU A 442 4.14 11.77 12.44
N VAL A 443 4.21 11.31 13.67
CA VAL A 443 4.91 12.03 14.75
C VAL A 443 6.01 11.09 15.22
N PHE A 444 7.25 11.40 14.85
CA PHE A 444 8.39 10.53 15.08
C PHE A 444 9.24 11.05 16.24
N ASN A 445 9.53 10.15 17.19
CA ASN A 445 10.47 10.33 18.29
C ASN A 445 9.93 11.24 19.39
N ILE A 446 9.72 12.52 19.10
CA ILE A 446 9.29 13.49 20.09
C ILE A 446 7.77 13.56 20.02
N LEU A 447 7.12 13.13 21.09
CA LEU A 447 5.66 12.94 21.10
C LEU A 447 5.03 13.94 22.05
N PHE A 448 3.94 14.55 21.62
CA PHE A 448 3.23 15.55 22.41
C PHE A 448 1.90 14.91 22.76
N VAL A 449 1.77 14.39 23.98
CA VAL A 449 0.67 13.50 24.29
C VAL A 449 -0.19 14.14 25.39
N THR A 450 -1.49 13.82 25.36
CA THR A 450 -2.43 14.37 26.32
C THR A 450 -3.40 13.29 26.79
N SER A 451 -3.78 13.36 28.06
CA SER A 451 -4.71 12.40 28.64
C SER A 451 -6.05 13.03 28.98
N GLU A 452 -6.25 14.29 28.61
CA GLU A 452 -7.41 15.09 29.05
C GLU A 452 -8.73 14.35 28.93
N ASN A 453 -9.00 13.73 27.79
CA ASN A 453 -10.29 13.07 27.61
C ASN A 453 -10.26 11.63 28.12
N GLY A 454 -11.39 11.20 28.67
CA GLY A 454 -11.51 9.81 29.07
C GLY A 454 -10.65 9.49 30.27
N SER A 455 -10.05 8.31 30.26
CA SER A 455 -9.22 7.89 31.36
C SER A 455 -7.94 8.73 31.40
N ARG A 456 -7.58 9.23 32.58
CA ARG A 456 -6.29 9.91 32.76
C ARG A 456 -5.10 8.99 32.53
N ASN A 457 -5.33 7.70 32.29
CA ASN A 457 -4.25 6.78 32.03
C ASN A 457 -4.05 6.44 30.55
N THR A 458 -4.89 6.97 29.66
CA THR A 458 -4.68 6.80 28.23
C THR A 458 -4.38 8.17 27.62
N TYR A 459 -3.46 8.19 26.67
CA TYR A 459 -3.01 9.41 26.02
C TYR A 459 -3.19 9.34 24.51
N LEU A 460 -3.53 10.47 23.93
CA LEU A 460 -3.53 10.66 22.49
C LEU A 460 -2.28 11.43 22.09
N VAL A 461 -1.77 11.11 20.91
CA VAL A 461 -0.53 11.68 20.40
C VAL A 461 -0.89 12.80 19.45
N HIS A 462 -0.11 13.89 19.52
CA HIS A 462 -0.28 15.03 18.65
C HIS A 462 1.06 15.45 18.09
N CYS A 463 1.01 16.13 16.93
CA CYS A 463 2.23 16.76 16.47
C CYS A 463 2.44 18.05 17.25
N GLU A 464 3.66 18.60 17.13
CA GLU A 464 3.97 19.84 17.84
C GLU A 464 2.98 20.93 17.47
N GLY A 465 2.72 21.09 16.18
CA GLY A 465 1.79 22.11 15.73
C GLY A 465 0.42 22.00 16.37
N CYS A 466 -0.20 20.82 16.28
CA CYS A 466 -1.53 20.64 16.86
C CYS A 466 -1.49 20.70 18.38
N ALA A 467 -0.40 20.27 19.00
CA ALA A 467 -0.31 20.40 20.46
C ALA A 467 -0.25 21.85 20.89
N ARG A 468 0.50 22.68 20.17
CA ARG A 468 0.67 24.08 20.54
C ARG A 468 -0.55 24.92 20.21
N ARG A 469 -1.37 24.46 19.26
CA ARG A 469 -2.63 25.16 18.96
C ARG A 469 -3.62 25.00 20.10
N ARG A 470 -3.60 23.87 20.80
CA ARG A 470 -4.45 23.66 21.95
C ARG A 470 -4.03 24.56 23.10
N SER A 471 -2.89 24.26 23.74
CA SER A 471 -2.30 25.08 24.80
C SER A 471 -0.94 25.56 24.35
N ALA A 472 -0.83 26.86 24.07
CA ALA A 472 0.40 27.41 23.51
C ALA A 472 1.59 27.25 24.47
N GLY A 473 1.34 27.15 25.78
CA GLY A 473 2.37 26.80 26.73
C GLY A 473 2.52 25.31 26.97
N LEU A 474 1.86 24.48 26.15
CA LEU A 474 1.91 23.03 26.29
C LEU A 474 1.48 22.60 27.68
N GLN A 475 0.69 23.43 28.34
CA GLN A 475 0.16 23.06 29.64
C GLN A 475 -0.76 21.87 29.47
N GLY A 476 -0.55 20.85 30.29
CA GLY A 476 -1.34 19.64 30.20
C GLY A 476 -0.88 18.68 29.12
N VAL A 477 0.24 19.00 28.46
CA VAL A 477 0.83 18.16 27.43
C VAL A 477 2.09 17.54 28.02
N VAL A 478 2.15 16.22 27.98
CA VAL A 478 3.33 15.48 28.35
C VAL A 478 4.18 15.28 27.10
N VAL A 479 5.46 15.62 27.18
CA VAL A 479 6.37 15.46 26.05
C VAL A 479 7.28 14.27 26.32
N LEU A 480 7.30 13.35 25.36
CA LEU A 480 8.11 12.15 25.43
C LEU A 480 9.13 12.21 24.29
N GLU A 481 10.26 11.53 24.49
CA GLU A 481 11.18 11.28 23.41
C GLU A 481 11.54 9.81 23.49
N GLN A 482 11.49 9.15 22.34
CA GLN A 482 11.70 7.73 22.27
C GLN A 482 13.13 7.40 21.86
N TYR A 483 13.89 8.39 21.41
CA TYR A 483 15.28 8.18 21.02
C TYR A 483 16.10 9.38 21.50
N ARG A 484 17.08 9.14 22.37
CA ARG A 484 17.93 10.23 22.78
C ARG A 484 18.74 10.75 21.60
N THR A 485 19.15 12.02 21.70
CA THR A 485 19.94 12.65 20.64
C THR A 485 21.11 11.78 20.24
N GLU A 486 21.80 11.23 21.24
CA GLU A 486 22.97 10.39 20.96
C GLU A 486 22.59 9.04 20.37
N GLU A 487 21.40 8.51 20.68
CA GLU A 487 20.97 7.27 20.02
C GLU A 487 20.80 7.47 18.53
N LEU A 488 20.23 8.62 18.13
CA LEU A 488 20.03 8.88 16.70
C LEU A 488 21.36 9.18 16.03
N ALA A 489 22.21 9.99 16.69
CA ALA A 489 23.54 10.27 16.14
C ALA A 489 24.32 8.99 15.88
N GLN A 490 24.32 8.06 16.82
CA GLN A 490 25.11 6.85 16.61
C GLN A 490 24.49 5.90 15.59
N ALA A 491 23.15 5.83 15.54
CA ALA A 491 22.49 5.05 14.49
C ALA A 491 22.83 5.61 13.12
N TYR A 492 22.87 6.95 13.01
CA TYR A 492 23.21 7.59 11.74
C TYR A 492 24.64 7.29 11.36
N ASP A 493 25.58 7.42 12.32
CA ASP A 493 26.98 7.14 11.99
C ASP A 493 27.22 5.67 11.73
N ALA A 494 26.47 4.80 12.40
CA ALA A 494 26.61 3.37 12.19
C ALA A 494 26.04 2.91 10.85
N PHE A 495 25.34 3.78 10.13
CA PHE A 495 24.69 3.41 8.88
C PHE A 495 25.60 3.81 7.72
N THR A 496 26.27 2.84 7.12
CA THR A 496 27.19 3.17 6.04
C THR A 496 27.04 2.16 4.90
N LEU A 497 27.51 2.57 3.72
CA LEU A 497 27.26 1.84 2.48
C LEU A 497 27.95 0.48 2.51
N ALA A 498 27.15 -0.57 2.45
CA ALA A 498 27.63 -1.96 2.44
C ALA A 498 28.05 -2.35 1.01
N PRO A 499 29.16 -3.09 0.87
CA PRO A 499 29.64 -3.42 -0.50
C PRO A 499 28.76 -4.43 -1.24
N ARG B 1 5.59 3.14 32.27
CA ARG B 1 5.42 3.97 31.08
C ARG B 1 3.93 4.18 30.80
N ILE B 2 3.61 5.21 30.02
CA ILE B 2 2.22 5.61 29.82
C ILE B 2 1.71 5.02 28.50
N GLN B 3 0.41 4.73 28.48
CA GLN B 3 -0.24 4.06 27.36
C GLN B 3 -0.66 5.08 26.31
N LEU B 4 -0.05 4.99 25.14
CA LEU B 4 -0.33 5.89 24.03
C LEU B 4 -1.27 5.17 23.07
N MET B 5 -2.32 5.85 22.64
CA MET B 5 -3.30 5.23 21.78
C MET B 5 -2.95 5.51 20.32
N THR B 6 -3.30 4.56 19.45
CA THR B 6 -3.02 4.68 18.02
C THR B 6 -4.25 4.24 17.24
N LYS B 7 -4.43 4.83 16.07
CA LYS B 7 -5.49 4.38 15.15
C LYS B 7 -5.01 3.18 14.35
N ALA B 8 -5.86 2.18 14.22
CA ALA B 8 -5.48 1.01 13.46
C ALA B 8 -5.31 1.39 12.01
N ALA B 9 -4.26 0.86 11.37
CA ALA B 9 -3.99 1.09 9.96
C ALA B 9 -4.50 -0.08 9.13
N ARG B 10 -5.28 0.20 8.10
CA ARG B 10 -5.84 -0.88 7.30
C ARG B 10 -6.09 -0.40 5.88
N LYS B 11 -5.68 -1.24 4.90
CA LYS B 11 -6.06 -1.01 3.52
C LYS B 11 -7.52 -1.39 3.31
N SER B 12 -8.26 -0.53 2.63
CA SER B 12 -9.68 -0.74 2.38
C SER B 12 -10.01 -0.06 1.06
N ALA B 13 -10.80 -0.72 0.22
CA ALA B 13 -11.11 -0.15 -1.07
C ALA B 13 -11.88 1.16 -0.92
N PRO B 14 -11.81 2.05 -1.91
CA PRO B 14 -12.68 3.22 -1.87
C PRO B 14 -14.14 2.81 -1.83
N ALA B 15 -14.96 3.71 -1.31
CA ALA B 15 -16.40 3.55 -1.25
C ALA B 15 -17.09 4.86 -1.58
N THR B 16 -18.18 4.77 -2.33
CA THR B 16 -18.95 5.93 -2.70
C THR B 16 -20.20 6.04 -1.82
N GLY B 17 -20.85 7.20 -1.90
CA GLY B 17 -22.12 7.42 -1.23
C GLY B 17 -22.11 7.00 0.22
FE FE C . -3.67 -2.46 -6.02
ZN ZN D . -1.07 17.49 13.97
C1 AKG E . -3.74 -5.25 -5.98
O1 AKG E . -3.54 -6.49 -5.91
O2 AKG E . -2.81 -4.40 -5.82
C2 AKG E . -5.16 -4.82 -6.26
O5 AKG E . -5.37 -3.73 -6.69
C3 AKG E . -6.31 -5.78 -5.94
C4 AKG E . -6.96 -6.11 -7.26
C5 AKG E . -8.09 -7.13 -7.01
O3 AKG E . -7.84 -8.35 -6.91
O4 AKG E . -9.26 -6.70 -6.98
H31 AKG E . -5.95 -6.59 -5.53
H32 AKG E . -6.95 -5.35 -5.36
H41 AKG E . -7.33 -5.31 -7.65
H42 AKG E . -6.30 -6.50 -7.86
O TBU F . 12.87 -15.21 -15.55
C TBU F . 13.97 -14.46 -15.13
C1 TBU F . 14.36 -15.08 -13.78
C2 TBU F . 15.13 -14.55 -16.13
C3 TBU F . 13.54 -13.00 -15.02
HO TBU F . 12.67 -15.78 -14.95
H11 TBU F . 14.65 -16.00 -13.91
H12 TBU F . 13.60 -15.07 -13.18
H13 TBU F . 15.07 -14.56 -13.39
H21 TBU F . 14.82 -14.28 -17.01
H22 TBU F . 15.44 -15.47 -16.17
H23 TBU F . 15.84 -13.97 -15.84
H31 TBU F . 12.81 -12.92 -14.38
H32 TBU F . 14.30 -12.46 -14.72
H33 TBU F . 13.24 -12.69 -15.88
O TBU G . -18.65 -20.29 -7.20
C TBU G . -17.32 -20.70 -7.47
C1 TBU G . -17.21 -20.98 -8.97
C2 TBU G . -17.06 -21.99 -6.71
C3 TBU G . -16.30 -19.63 -7.06
HO TBU G . -18.81 -20.42 -6.36
H11 TBU G . -17.88 -21.63 -9.22
H12 TBU G . -16.32 -21.33 -9.17
H13 TBU G . -17.35 -20.15 -9.46
H21 TBU G . -17.10 -21.82 -5.75
H22 TBU G . -16.18 -22.33 -6.94
H23 TBU G . -17.73 -22.65 -6.95
H31 TBU G . -15.40 -19.94 -7.27
H32 TBU G . -16.48 -18.81 -7.55
H33 TBU G . -16.37 -19.45 -6.11
O TBU H . -12.89 -5.36 8.84
C TBU H . -14.05 -4.58 8.78
C1 TBU H . -14.11 -3.73 7.50
C2 TBU H . -15.31 -5.45 8.85
C3 TBU H . -14.02 -3.65 9.97
HO TBU H . -12.23 -4.87 9.09
H11 TBU H . -14.17 -4.31 6.74
H12 TBU H . -13.31 -3.18 7.45
H13 TBU H . -14.90 -3.15 7.54
H21 TBU H . -15.28 -5.99 9.65
H22 TBU H . -15.34 -6.03 8.07
H23 TBU H . -16.10 -4.89 8.87
H31 TBU H . -13.23 -3.09 9.92
H32 TBU H . -14.81 -3.09 9.96
H33 TBU H . -14.00 -4.17 10.79
#